data_5MSZ
#
_entry.id   5MSZ
#
_cell.length_a   46.985
_cell.length_b   56.868
_cell.length_c   66.654
_cell.angle_alpha   90.00
_cell.angle_beta   90.00
_cell.angle_gamma   90.00
#
_symmetry.space_group_name_H-M   'P 2 21 21'
#
loop_
_entity.id
_entity.type
_entity.pdbx_description
1 polymer 'Thermobia domestica domestica AA15'
2 non-polymer 1,2-ETHANEDIOL
3 non-polymer 'COPPER (I) ION'
4 water water
#
_entity_poly.entity_id   1
_entity_poly.type   'polypeptide(L)'
_entity_poly.pdbx_seq_one_letter_code
;HGHLSVPPMRSSMWRDGYNVPPNYNDDGLNCGSFDVQWVKNGGKCGECGDDYSLPRPRPNESGGMYGKNIIVANYQQGST
ISVDLHIQAPHIGFFEFRLCARNDPNVLETQDCFDQHLLELADGSGTRFTMEEHVAGEYTVDLKLPQGVTCTNCVLQWFW
RTGNRYGDCGDGTSGMGCGPQEEYRNCADIAIAWSHPQFEK
;
_entity_poly.pdbx_strand_id   A
#
# COMPACT_ATOMS: atom_id res chain seq x y z
N HIS A 1 -12.50 -2.73 -1.88
CA HIS A 1 -11.72 -3.12 -3.06
C HIS A 1 -11.20 -1.92 -3.80
N GLY A 2 -9.91 -1.95 -4.10
CA GLY A 2 -9.28 -0.85 -4.81
C GLY A 2 -7.81 -1.15 -4.95
N HIS A 3 -7.11 -0.32 -5.70
CA HIS A 3 -5.70 -0.53 -5.90
C HIS A 3 -4.95 0.78 -6.13
N LEU A 4 -3.68 0.75 -5.77
CA LEU A 4 -2.74 1.83 -6.06
C LEU A 4 -2.46 1.81 -7.56
N SER A 5 -2.94 2.85 -8.25
CA SER A 5 -2.98 2.91 -9.70
C SER A 5 -1.90 3.81 -10.29
N VAL A 6 -1.62 4.94 -9.66
CA VAL A 6 -0.52 5.82 -10.07
C VAL A 6 0.29 6.14 -8.81
N PRO A 7 1.55 5.70 -8.72
CA PRO A 7 2.22 4.78 -9.59
C PRO A 7 1.55 3.41 -9.53
N PRO A 8 1.63 2.61 -10.58
CA PRO A 8 0.92 1.33 -10.58
C PRO A 8 1.58 0.31 -9.70
N MET A 9 0.78 -0.29 -8.81
CA MET A 9 1.32 -1.35 -7.95
C MET A 9 1.52 -2.63 -8.75
N ARG A 10 2.28 -3.54 -8.17
CA ARG A 10 2.77 -4.73 -8.86
C ARG A 10 1.70 -5.57 -9.55
N SER A 11 0.60 -5.83 -8.86
CA SER A 11 -0.51 -6.60 -9.41
C SER A 11 -1.39 -5.85 -10.39
N SER A 12 -1.11 -4.57 -10.60
CA SER A 12 -1.86 -3.74 -11.53
C SER A 12 -1.05 -3.31 -12.74
N MET A 13 0.24 -3.67 -12.77
CA MET A 13 1.13 -3.21 -13.86
C MET A 13 0.68 -3.70 -15.22
N TRP A 14 0.06 -4.89 -15.26
CA TRP A 14 -0.53 -5.39 -16.50
C TRP A 14 -1.47 -4.40 -17.13
N ARG A 15 -2.19 -3.61 -16.35
CA ARG A 15 -3.17 -2.69 -16.88
C ARG A 15 -2.52 -1.63 -17.74
N ASP A 16 -1.28 -1.30 -17.41
CA ASP A 16 -0.55 -0.31 -18.18
C ASP A 16 0.32 -0.92 -19.27
N GLY A 17 0.19 -2.21 -19.51
CA GLY A 17 0.93 -2.82 -20.58
C GLY A 17 2.30 -3.31 -20.23
N TYR A 18 2.70 -3.27 -18.95
CA TYR A 18 3.94 -3.85 -18.54
C TYR A 18 3.93 -5.37 -18.73
N ASN A 19 5.11 -5.93 -18.90
CA ASN A 19 5.31 -7.36 -18.96
C ASN A 19 5.42 -7.95 -17.55
N VAL A 20 4.30 -7.93 -16.87
CA VAL A 20 4.16 -8.52 -15.53
C VAL A 20 2.87 -9.37 -15.67
N PRO A 21 2.81 -10.53 -15.03
CA PRO A 21 1.56 -11.32 -15.11
C PRO A 21 0.36 -10.52 -14.63
N PRO A 22 -0.80 -10.74 -15.27
CA PRO A 22 -1.99 -10.00 -14.86
C PRO A 22 -2.58 -10.59 -13.60
N ASN A 23 -3.16 -9.73 -12.79
CA ASN A 23 -3.97 -10.10 -11.64
C ASN A 23 -5.30 -9.38 -11.83
N TYR A 24 -6.32 -10.15 -12.25
CA TYR A 24 -7.63 -9.58 -12.48
C TYR A 24 -8.36 -9.26 -11.19
N ASN A 25 -7.84 -9.79 -10.07
CA ASN A 25 -8.30 -9.49 -8.73
C ASN A 25 -7.36 -8.52 -8.03
N ASP A 26 -6.77 -7.59 -8.80
CA ASP A 26 -5.85 -6.62 -8.22
C ASP A 26 -6.48 -5.63 -7.27
N ASP A 27 -7.80 -5.52 -7.26
CA ASP A 27 -8.49 -4.71 -6.27
C ASP A 27 -8.70 -5.43 -4.93
N GLY A 28 -8.29 -6.71 -4.88
CA GLY A 28 -8.60 -7.55 -3.72
C GLY A 28 -7.43 -8.00 -2.89
N LEU A 29 -6.39 -7.18 -2.75
CA LEU A 29 -5.23 -7.54 -1.91
CA LEU A 29 -5.23 -7.53 -1.92
C LEU A 29 -5.51 -7.15 -0.46
N ASN A 30 -6.44 -7.90 0.10
CA ASN A 30 -6.99 -7.66 1.45
C ASN A 30 -6.42 -8.59 2.47
N CYS A 31 -5.12 -8.82 2.37
CA CYS A 31 -4.40 -9.56 3.41
C CYS A 31 -4.91 -11.01 3.54
N GLY A 32 -5.39 -11.55 2.41
CA GLY A 32 -5.93 -12.91 2.39
C GLY A 32 -7.39 -13.03 2.72
N SER A 33 -8.04 -11.90 3.02
CA SER A 33 -9.46 -11.73 3.47
C SER A 33 -9.45 -11.56 4.98
N PHE A 34 -10.52 -10.93 5.47
CA PHE A 34 -10.59 -10.58 6.87
C PHE A 34 -10.37 -11.79 7.77
N ASP A 35 -11.12 -12.87 7.54
CA ASP A 35 -11.01 -13.99 8.46
C ASP A 35 -9.66 -14.67 8.40
N VAL A 36 -9.08 -14.72 7.21
CA VAL A 36 -7.73 -15.27 7.12
C VAL A 36 -6.76 -14.38 7.90
N GLN A 37 -6.83 -13.08 7.71
CA GLN A 37 -5.94 -12.20 8.46
C GLN A 37 -6.10 -12.37 9.96
N TRP A 38 -7.35 -12.26 10.43
CA TRP A 38 -7.61 -12.08 11.88
C TRP A 38 -7.87 -13.37 12.66
N VAL A 39 -8.36 -14.40 11.96
CA VAL A 39 -8.62 -15.71 12.61
C VAL A 39 -7.45 -16.65 12.34
N LYS A 40 -7.00 -16.80 11.09
CA LYS A 40 -5.90 -17.71 10.83
C LYS A 40 -4.56 -17.11 11.23
N ASN A 41 -4.33 -15.85 10.89
CA ASN A 41 -3.00 -15.25 10.92
C ASN A 41 -2.73 -14.23 12.02
N GLY A 42 -3.60 -14.19 13.03
CA GLY A 42 -3.31 -13.37 14.20
C GLY A 42 -3.23 -11.88 13.94
N GLY A 43 -3.90 -11.42 12.88
CA GLY A 43 -3.88 -10.01 12.50
C GLY A 43 -2.79 -9.61 11.53
N LYS A 44 -1.90 -10.53 11.20
CA LYS A 44 -0.76 -10.23 10.36
C LYS A 44 -1.16 -10.24 8.90
N CYS A 45 -0.41 -9.47 8.12
CA CYS A 45 -0.60 -9.34 6.68
C CYS A 45 0.75 -9.34 5.99
N GLY A 46 0.82 -9.85 4.78
CA GLY A 46 2.02 -9.66 3.99
C GLY A 46 2.30 -8.16 3.77
N GLU A 47 3.58 -7.84 3.58
CA GLU A 47 4.02 -6.47 3.32
C GLU A 47 3.31 -5.83 2.15
N CYS A 48 2.91 -6.63 1.18
CA CYS A 48 2.34 -6.12 -0.05
C CYS A 48 0.92 -6.67 -0.30
N GLY A 49 0.25 -7.04 0.79
CA GLY A 49 -1.19 -7.34 0.75
C GLY A 49 -1.54 -8.79 0.60
N ASP A 50 -0.55 -9.66 0.49
CA ASP A 50 -0.80 -11.10 0.37
C ASP A 50 -1.14 -11.67 1.74
N ASP A 51 -1.81 -12.83 1.69
CA ASP A 51 -2.00 -13.69 2.89
C ASP A 51 -0.66 -13.90 3.59
N TYR A 52 -0.58 -13.55 4.86
CA TYR A 52 0.64 -13.67 5.63
C TYR A 52 1.17 -15.10 5.65
N SER A 53 0.27 -16.09 5.59
CA SER A 53 0.72 -17.49 5.69
C SER A 53 1.47 -17.98 4.47
N LEU A 54 1.45 -17.23 3.37
CA LEU A 54 2.24 -17.60 2.21
C LEU A 54 3.73 -17.34 2.50
N PRO A 55 4.61 -18.20 1.99
CA PRO A 55 6.04 -17.99 2.26
C PRO A 55 6.62 -16.80 1.52
N ARG A 56 7.57 -16.11 2.14
CA ARG A 56 8.24 -14.97 1.53
C ARG A 56 9.31 -15.43 0.53
N PRO A 57 9.48 -14.74 -0.60
CA PRO A 57 8.66 -13.61 -1.04
C PRO A 57 7.29 -14.08 -1.53
N ARG A 58 6.27 -13.40 -1.04
CA ARG A 58 4.91 -13.66 -1.41
C ARG A 58 4.64 -13.07 -2.82
N PRO A 59 3.47 -13.35 -3.42
CA PRO A 59 3.31 -13.02 -4.81
C PRO A 59 3.54 -11.57 -5.19
N ASN A 60 3.15 -10.65 -4.30
CA ASN A 60 3.29 -9.22 -4.57
C ASN A 60 4.51 -8.59 -3.95
N GLU A 61 5.41 -9.41 -3.43
CA GLU A 61 6.67 -8.94 -2.84
C GLU A 61 7.77 -9.13 -3.90
N SER A 62 8.91 -8.45 -3.67
CA SER A 62 10.03 -8.56 -4.62
CA SER A 62 10.03 -8.53 -4.61
C SER A 62 10.47 -9.99 -4.75
N GLY A 63 10.52 -10.47 -5.98
CA GLY A 63 10.85 -11.87 -6.27
C GLY A 63 9.66 -12.81 -6.34
N GLY A 64 8.48 -12.34 -5.94
CA GLY A 64 7.24 -13.07 -6.19
C GLY A 64 6.79 -12.91 -7.64
N MET A 65 5.71 -13.57 -8.01
CA MET A 65 5.28 -13.55 -9.40
CA MET A 65 5.33 -13.55 -9.41
C MET A 65 5.01 -12.16 -9.96
N TYR A 66 4.55 -11.23 -9.12
CA TYR A 66 4.29 -9.89 -9.58
C TYR A 66 5.39 -8.90 -9.25
N GLY A 67 6.46 -9.36 -8.61
CA GLY A 67 7.51 -8.47 -8.12
C GLY A 67 8.79 -8.64 -8.92
N LYS A 68 8.78 -8.02 -10.10
CA LYS A 68 9.88 -8.15 -11.05
C LYS A 68 10.87 -6.99 -10.97
N ASN A 69 10.68 -6.11 -9.99
CA ASN A 69 11.59 -4.98 -9.72
C ASN A 69 11.70 -3.98 -10.85
N ILE A 70 10.66 -3.89 -11.69
CA ILE A 70 10.56 -2.95 -12.79
C ILE A 70 10.09 -1.61 -12.23
N ILE A 71 10.90 -0.55 -12.40
CA ILE A 71 10.56 0.75 -11.89
C ILE A 71 9.42 1.36 -12.71
N VAL A 72 8.36 1.84 -12.04
CA VAL A 72 7.20 2.39 -12.71
C VAL A 72 7.10 3.91 -12.60
N ALA A 73 7.93 4.53 -11.78
CA ALA A 73 7.92 5.97 -11.67
C ALA A 73 9.27 6.40 -11.09
N ASN A 74 9.70 7.57 -11.53
CA ASN A 74 10.93 8.23 -11.08
C ASN A 74 10.56 9.60 -10.58
N TYR A 75 10.87 9.88 -9.32
CA TYR A 75 10.54 11.13 -8.68
C TYR A 75 11.77 11.87 -8.21
N GLN A 76 11.63 13.18 -8.10
CA GLN A 76 12.66 14.00 -7.51
C GLN A 76 12.54 13.90 -6.01
N GLN A 77 13.68 13.76 -5.36
CA GLN A 77 13.68 13.69 -3.93
C GLN A 77 12.98 14.89 -3.26
N GLY A 78 12.28 14.63 -2.19
CA GLY A 78 11.67 15.68 -1.41
C GLY A 78 10.49 16.39 -2.04
N SER A 79 10.07 15.93 -3.22
CA SER A 79 8.99 16.58 -3.94
C SER A 79 7.63 16.13 -3.44
N THR A 80 6.62 16.93 -3.79
CA THR A 80 5.26 16.52 -3.59
C THR A 80 4.86 15.65 -4.78
N ILE A 81 4.36 14.45 -4.50
CA ILE A 81 3.87 13.57 -5.51
C ILE A 81 2.36 13.38 -5.36
N SER A 82 1.72 13.11 -6.48
CA SER A 82 0.29 12.86 -6.51
C SER A 82 0.05 11.42 -6.86
N VAL A 83 -0.52 10.68 -5.93
CA VAL A 83 -0.79 9.30 -6.23
CA VAL A 83 -0.80 9.26 -6.03
C VAL A 83 -2.28 9.11 -6.38
N ASP A 84 -2.61 8.12 -7.20
CA ASP A 84 -4.01 7.82 -7.48
CA ASP A 84 -4.02 7.81 -7.51
C ASP A 84 -4.37 6.41 -7.02
N LEU A 85 -5.46 6.32 -6.27
CA LEU A 85 -6.08 5.08 -5.93
C LEU A 85 -7.30 4.89 -6.79
N HIS A 86 -7.41 3.72 -7.40
CA HIS A 86 -8.63 3.31 -8.07
C HIS A 86 -9.46 2.57 -7.02
N ILE A 87 -10.59 3.13 -6.63
CA ILE A 87 -11.44 2.54 -5.62
C ILE A 87 -12.68 1.96 -6.29
N GLN A 88 -12.78 0.63 -6.28
CA GLN A 88 -13.86 -0.12 -6.92
C GLN A 88 -15.06 -0.25 -6.00
N ALA A 89 -14.81 -0.57 -4.74
CA ALA A 89 -15.86 -0.68 -3.74
C ALA A 89 -15.38 0.15 -2.58
N PRO A 90 -15.96 1.35 -2.43
CA PRO A 90 -15.43 2.39 -1.56
C PRO A 90 -15.81 2.26 -0.09
N HIS A 91 -15.23 1.28 0.57
CA HIS A 91 -15.37 1.11 2.02
C HIS A 91 -14.79 2.29 2.75
N ILE A 92 -15.52 2.85 3.72
CA ILE A 92 -14.98 3.88 4.61
C ILE A 92 -13.76 3.40 5.32
N GLY A 93 -12.93 4.35 5.68
CA GLY A 93 -11.63 4.05 6.27
C GLY A 93 -10.60 5.11 5.94
N PHE A 94 -9.34 4.74 6.01
CA PHE A 94 -8.29 5.70 5.72
C PHE A 94 -7.15 4.98 5.00
N PHE A 95 -6.33 5.81 4.35
CA PHE A 95 -5.14 5.37 3.63
C PHE A 95 -3.90 5.94 4.32
N GLU A 96 -2.84 5.13 4.33
CA GLU A 96 -1.51 5.61 4.71
C GLU A 96 -0.51 5.13 3.69
N PHE A 97 0.61 5.83 3.59
CA PHE A 97 1.63 5.52 2.59
C PHE A 97 2.99 5.52 3.25
N ARG A 98 3.78 4.49 2.94
CA ARG A 98 5.12 4.31 3.50
C ARG A 98 6.11 4.03 2.40
N LEU A 99 7.34 4.50 2.62
CA LEU A 99 8.40 4.35 1.64
C LEU A 99 9.53 3.52 2.24
N CYS A 100 9.83 2.36 1.62
CA CYS A 100 11.02 1.58 1.90
C CYS A 100 12.11 2.04 0.94
N ALA A 101 13.11 2.71 1.47
CA ALA A 101 14.13 3.39 0.63
C ALA A 101 15.24 2.40 0.26
N ARG A 102 14.86 1.37 -0.45
CA ARG A 102 15.74 0.28 -0.84
C ARG A 102 16.57 0.65 -2.07
N ASN A 103 17.83 0.18 -2.07
CA ASN A 103 18.79 0.46 -3.11
C ASN A 103 19.32 -0.75 -3.86
N ASP A 104 18.67 -1.90 -3.71
CA ASP A 104 19.14 -3.14 -4.36
C ASP A 104 17.92 -4.00 -4.61
N PRO A 105 17.69 -4.43 -5.85
CA PRO A 105 16.51 -5.27 -6.12
C PRO A 105 16.57 -6.67 -5.51
N ASN A 106 17.74 -7.11 -5.03
CA ASN A 106 17.92 -8.46 -4.52
C ASN A 106 17.81 -8.57 -3.00
N VAL A 107 17.39 -7.50 -2.33
CA VAL A 107 17.08 -7.59 -0.91
C VAL A 107 15.55 -7.39 -0.78
N LEU A 108 14.98 -7.94 0.28
CA LEU A 108 13.58 -7.95 0.40
CA LEU A 108 13.52 -7.92 0.45
C LEU A 108 13.09 -6.84 1.35
N GLU A 109 12.09 -6.08 0.90
CA GLU A 109 11.41 -5.13 1.73
C GLU A 109 10.84 -5.78 2.97
N THR A 110 10.79 -5.00 4.06
CA THR A 110 10.18 -5.42 5.34
C THR A 110 9.33 -4.29 5.84
N GLN A 111 8.40 -4.61 6.75
CA GLN A 111 7.64 -3.55 7.38
C GLN A 111 8.54 -2.58 8.15
N ASP A 112 9.63 -3.05 8.74
CA ASP A 112 10.54 -2.14 9.41
C ASP A 112 11.09 -1.11 8.44
N CYS A 113 11.41 -1.53 7.21
CA CYS A 113 11.90 -0.60 6.22
C CYS A 113 10.83 0.43 5.84
N PHE A 114 9.64 -0.03 5.56
CA PHE A 114 8.53 0.88 5.28
C PHE A 114 8.29 1.88 6.40
N ASP A 115 8.34 1.38 7.63
CA ASP A 115 8.01 2.21 8.76
C ASP A 115 9.02 3.33 9.02
N GLN A 116 10.19 3.26 8.40
CA GLN A 116 11.13 4.37 8.52
CA GLN A 116 11.20 4.35 8.46
C GLN A 116 10.67 5.64 7.82
N HIS A 117 9.75 5.53 6.88
CA HIS A 117 9.26 6.69 6.14
C HIS A 117 7.76 6.64 5.93
N LEU A 118 7.03 6.94 7.00
CA LEU A 118 5.60 7.15 6.90
C LEU A 118 5.38 8.54 6.29
N LEU A 119 4.74 8.59 5.14
CA LEU A 119 4.69 9.82 4.37
C LEU A 119 3.62 10.76 4.86
N GLU A 120 4.01 12.03 4.97
CA GLU A 120 3.08 13.08 5.34
C GLU A 120 2.29 13.58 4.15
N LEU A 121 1.02 13.86 4.39
CA LEU A 121 0.19 14.49 3.38
CA LEU A 121 0.19 14.50 3.37
C LEU A 121 0.68 15.91 3.15
N ALA A 122 0.71 16.32 1.88
CA ALA A 122 1.19 17.64 1.50
C ALA A 122 0.34 18.76 2.08
N ASP A 123 -0.92 18.49 2.37
CA ASP A 123 -1.80 19.51 2.94
C ASP A 123 -1.56 19.77 4.42
N GLY A 124 -0.63 19.06 5.04
CA GLY A 124 -0.29 19.29 6.45
C GLY A 124 -1.18 18.62 7.46
N SER A 125 -2.09 17.79 6.98
CA SER A 125 -3.10 17.21 7.85
C SER A 125 -2.67 15.93 8.55
N GLY A 126 -1.47 15.45 8.30
CA GLY A 126 -0.99 14.23 8.97
C GLY A 126 -0.68 13.13 7.97
N THR A 127 -0.83 11.91 8.44
CA THR A 127 -0.42 10.73 7.69
C THR A 127 -1.57 9.87 7.20
N ARG A 128 -2.81 10.27 7.48
CA ARG A 128 -3.96 9.45 7.10
C ARG A 128 -4.86 10.24 6.20
N PHE A 129 -5.11 9.71 5.02
CA PHE A 129 -6.09 10.29 4.10
C PHE A 129 -7.39 9.58 4.30
N THR A 130 -8.43 10.35 4.57
CA THR A 130 -9.72 9.75 4.87
C THR A 130 -10.64 9.83 3.70
N MET A 131 -11.26 8.69 3.37
CA MET A 131 -12.25 8.58 2.34
C MET A 131 -13.57 8.57 3.10
N GLU A 132 -14.18 9.75 3.18
CA GLU A 132 -15.42 9.93 4.01
C GLU A 132 -16.71 9.48 3.37
N GLU A 133 -16.73 9.41 2.04
CA GLU A 133 -17.96 9.14 1.28
C GLU A 133 -17.82 7.85 0.52
N HIS A 134 -18.90 7.09 0.44
CA HIS A 134 -18.92 5.84 -0.33
C HIS A 134 -19.08 6.16 -1.82
N VAL A 135 -18.04 6.68 -2.46
CA VAL A 135 -18.08 7.01 -3.89
C VAL A 135 -16.91 6.30 -4.58
N ALA A 136 -17.21 5.41 -5.52
CA ALA A 136 -16.22 4.69 -6.31
C ALA A 136 -15.63 5.62 -7.35
N GLY A 137 -14.34 5.45 -7.61
CA GLY A 137 -13.68 6.25 -8.61
C GLY A 137 -12.22 6.40 -8.28
N GLU A 138 -11.65 7.46 -8.82
CA GLU A 138 -10.23 7.74 -8.69
C GLU A 138 -10.04 8.79 -7.60
N TYR A 139 -9.22 8.45 -6.60
CA TYR A 139 -8.90 9.35 -5.50
C TYR A 139 -7.44 9.72 -5.59
N THR A 140 -7.15 11.00 -5.60
CA THR A 140 -5.79 11.51 -5.64
C THR A 140 -5.37 11.95 -4.26
N VAL A 141 -4.15 11.59 -3.87
CA VAL A 141 -3.58 11.97 -2.59
C VAL A 141 -2.23 12.60 -2.88
N ASP A 142 -1.99 13.79 -2.35
CA ASP A 142 -0.71 14.45 -2.51
C ASP A 142 0.15 14.25 -1.28
N LEU A 143 1.34 13.70 -1.49
CA LEU A 143 2.23 13.29 -0.44
C LEU A 143 3.56 14.01 -0.56
N LYS A 144 4.16 14.35 0.57
CA LYS A 144 5.51 14.91 0.56
C LYS A 144 6.54 13.82 0.75
N LEU A 145 7.43 13.66 -0.21
CA LEU A 145 8.55 12.75 -0.02
C LEU A 145 9.53 13.36 0.96
N PRO A 146 10.23 12.54 1.73
CA PRO A 146 11.15 13.08 2.72
C PRO A 146 12.37 13.71 2.06
N GLN A 147 12.80 14.82 2.58
CA GLN A 147 13.95 15.53 2.01
C GLN A 147 15.22 14.72 2.26
N GLY A 148 16.08 14.68 1.27
CA GLY A 148 17.37 14.02 1.42
C GLY A 148 17.34 12.52 1.28
N VAL A 149 16.17 11.96 0.98
CA VAL A 149 16.06 10.51 0.82
C VAL A 149 16.02 10.16 -0.67
N THR A 150 16.97 9.34 -1.09
CA THR A 150 17.00 8.87 -2.45
C THR A 150 17.08 7.35 -2.42
N CYS A 151 16.63 6.70 -3.49
CA CYS A 151 16.66 5.25 -3.55
C CYS A 151 16.51 4.82 -5.00
N THR A 152 17.30 3.82 -5.38
CA THR A 152 17.25 3.31 -6.74
C THR A 152 16.19 2.23 -6.95
N ASN A 153 15.75 1.58 -5.86
CA ASN A 153 14.85 0.44 -5.91
C ASN A 153 13.85 0.54 -4.78
N CYS A 154 13.25 1.73 -4.65
CA CYS A 154 12.34 1.97 -3.58
C CYS A 154 11.07 1.15 -3.72
N VAL A 155 10.40 0.93 -2.61
CA VAL A 155 9.05 0.35 -2.65
C VAL A 155 8.13 1.30 -1.91
N LEU A 156 7.03 1.65 -2.56
CA LEU A 156 5.96 2.43 -1.96
C LEU A 156 4.84 1.50 -1.52
N GLN A 157 4.42 1.60 -0.25
CA GLN A 157 3.36 0.77 0.29
C GLN A 157 2.15 1.65 0.58
N TRP A 158 1.03 1.30 -0.07
CA TRP A 158 -0.30 1.84 0.28
C TRP A 158 -0.95 0.89 1.28
N PHE A 159 -1.44 1.46 2.37
CA PHE A 159 -2.24 0.74 3.38
C PHE A 159 -3.59 1.35 3.42
N TRP A 160 -4.63 0.51 3.37
CA TRP A 160 -6.02 0.95 3.54
C TRP A 160 -6.57 0.17 4.73
N ARG A 161 -6.93 0.89 5.79
CA ARG A 161 -7.66 0.28 6.90
CA ARG A 161 -7.64 0.31 6.92
C ARG A 161 -9.10 0.69 6.71
N THR A 162 -9.94 -0.31 6.46
CA THR A 162 -11.36 -0.04 6.34
C THR A 162 -11.97 0.23 7.73
N GLY A 163 -13.19 0.67 7.75
CA GLY A 163 -13.81 1.05 9.00
C GLY A 163 -15.21 0.54 9.18
N ASN A 164 -15.56 -0.55 8.52
CA ASN A 164 -16.93 -1.03 8.44
C ASN A 164 -17.28 -2.16 9.43
N ARG A 165 -16.42 -2.47 10.41
CA ARG A 165 -16.77 -3.41 11.49
C ARG A 165 -16.89 -2.69 12.84
N TYR A 166 -17.82 -3.14 13.67
CA TYR A 166 -18.04 -2.63 15.01
C TYR A 166 -17.19 -3.43 15.99
N GLY A 167 -16.51 -2.76 16.91
CA GLY A 167 -15.64 -3.47 17.89
C GLY A 167 -15.40 -2.67 19.13
N ASP A 168 -14.73 -3.29 20.10
CA ASP A 168 -14.35 -2.67 21.36
C ASP A 168 -13.35 -1.59 20.99
N CYS A 169 -13.60 -0.38 21.48
CA CYS A 169 -12.70 0.73 21.27
C CYS A 169 -11.62 0.75 22.38
N GLY A 170 -11.88 0.06 23.51
CA GLY A 170 -10.89 -0.13 24.59
C GLY A 170 -10.98 0.87 25.73
N ASP A 171 -11.89 1.83 25.58
CA ASP A 171 -12.09 2.89 26.55
C ASP A 171 -13.34 2.61 27.39
N GLY A 172 -13.80 1.35 27.42
CA GLY A 172 -15.12 1.03 27.97
C GLY A 172 -16.20 1.07 26.90
N THR A 173 -15.84 1.46 25.67
CA THR A 173 -16.77 1.78 24.59
C THR A 173 -16.57 0.85 23.39
N SER A 174 -17.62 0.70 22.59
CA SER A 174 -17.51 0.05 21.29
C SER A 174 -17.98 1.02 20.21
N GLY A 175 -17.52 0.80 18.98
CA GLY A 175 -17.86 1.72 17.90
C GLY A 175 -17.51 1.18 16.56
N MET A 176 -18.18 1.74 15.54
CA MET A 176 -17.87 1.45 14.16
C MET A 176 -16.45 1.89 13.88
N GLY A 177 -15.67 0.99 13.30
CA GLY A 177 -14.27 1.26 13.02
C GLY A 177 -13.31 0.97 14.15
N CYS A 178 -13.84 0.55 15.29
CA CYS A 178 -13.02 0.07 16.40
C CYS A 178 -12.72 -1.40 16.22
N GLY A 179 -11.56 -1.77 16.72
CA GLY A 179 -11.11 -3.12 16.65
C GLY A 179 -10.69 -3.50 15.24
N PRO A 180 -10.35 -4.76 15.04
CA PRO A 180 -9.89 -5.27 13.77
C PRO A 180 -10.81 -4.95 12.61
N GLN A 181 -10.19 -4.58 11.50
CA GLN A 181 -10.89 -4.25 10.27
C GLN A 181 -10.28 -4.97 9.08
N GLU A 182 -11.02 -5.07 7.99
CA GLU A 182 -10.44 -5.53 6.75
C GLU A 182 -9.38 -4.51 6.34
N GLU A 183 -8.23 -5.04 5.88
CA GLU A 183 -7.09 -4.21 5.50
C GLU A 183 -6.59 -4.62 4.14
N TYR A 184 -6.09 -3.63 3.41
CA TYR A 184 -5.44 -3.83 2.11
C TYR A 184 -4.07 -3.22 2.13
N ARG A 185 -3.12 -3.87 1.43
CA ARG A 185 -1.81 -3.26 1.18
CA ARG A 185 -1.82 -3.25 1.18
C ARG A 185 -1.48 -3.49 -0.27
N ASN A 186 -0.84 -2.49 -0.88
CA ASN A 186 -0.28 -2.67 -2.25
C ASN A 186 1.14 -2.06 -2.26
N CYS A 187 1.99 -2.65 -3.09
CA CYS A 187 3.38 -2.18 -3.24
C CYS A 187 3.65 -1.80 -4.68
N ALA A 188 4.36 -0.69 -4.88
CA ALA A 188 4.82 -0.23 -6.21
C ALA A 188 6.35 0.01 -6.15
N ASP A 189 7.01 -0.31 -7.25
CA ASP A 189 8.45 -0.11 -7.40
C ASP A 189 8.74 1.25 -8.03
N ILE A 190 9.41 2.13 -7.26
CA ILE A 190 9.70 3.48 -7.73
C ILE A 190 11.14 3.82 -7.43
N ALA A 191 11.65 4.87 -8.08
CA ALA A 191 12.98 5.38 -7.80
C ALA A 191 12.89 6.87 -7.52
N ILE A 192 13.76 7.35 -6.63
CA ILE A 192 13.79 8.73 -6.16
C ILE A 192 15.22 9.22 -6.21
N ALA A 193 15.46 10.34 -6.90
CA ALA A 193 16.81 10.87 -7.13
C ALA A 193 16.86 12.36 -6.88
N TRP A 194 18.08 12.89 -6.69
CA TRP A 194 18.28 14.34 -6.61
C TRP A 194 17.89 15.03 -7.91
N SER A 195 18.16 14.37 -9.03
CA SER A 195 17.79 14.87 -10.37
C SER A 195 18.32 16.29 -10.67
#